data_5E41
#
_entry.id   5E41
#
_cell.length_a   107.774
_cell.length_b   107.774
_cell.length_c   89.614
_cell.angle_alpha   90.00
_cell.angle_beta   90.00
_cell.angle_gamma   120.00
#
_symmetry.space_group_name_H-M   'P 31 2 1'
#
loop_
_entity.id
_entity.type
_entity.pdbx_description
1 polymer 'DNA polymerase I, thermostable'
2 polymer "DNA (5'-D(*GP*AP*CP*CP*AP*CP*GP*GP*CP*GP*CP*(DOC))-3')"
3 polymer "DNA (5'-D(*AP*AP*AP*AP*GP*GP*CP*GP*CP*CP*GP*TP*GP*GP*TP*C)-3')"
4 non-polymer 'MAGNESIUM ION'
5 non-polymer "2'-deoxy-5-{(1E)-5-[(10-hydroxydecanoyl)amino]pent-1-en-1-yl}uridine 5'-(tetrahydrogen triphosphate)"
6 non-polymer GLYCEROL
7 water water
#
loop_
_entity_poly.entity_id
_entity_poly.type
_entity_poly.pdbx_seq_one_letter_code
_entity_poly.pdbx_strand_id
1 'polypeptide(L)'
;ALEEAPWPPPEGAFVGFVLSRKEPMWADLLALAAARGGRVHRAPEPYKALRDLKEARGLLAKDLSVLALREGLGLPPGDD
PMLLAYLLDPSNTTPEGVARRYGGEWTEEAGERAALSERLFANLWGRLEGEERLLWLYREVERPLSAVLAHMEATGVRLD
VAYLRALSLEVAEEIARLEAEVFRLAGHPFNLNSRDQLERVLFDELGLPAIGKTEKTGKRSTSAAVLEALREAHPIVEKI
LQYRELTKLKSTYIDPLPDLIHPRTGRLHTRFNQTATATGRLSSSDPNLQNIPVRTPLGQRIRRAFIAEEGWLLVALDYS
QIELRVLAHLSGDENLIRVFQEGRDIHTETASWMFGVPREAVDPLMRRAAKTINFGVLYGMSAHRLSQELAIPYEEAQAF
IERYFQSFPKVRAWIEKTLEEGRRRGYVETLFGRRRYVPDLEARVKSVREAAERMAFNMPVQGTAADLMKLAMVKLFPRL
EEMGARMLLQVHDELVLEAPKERAEAVARLAKEVMEGVYPLAVPLEVEVGIGEDWLSAKE
;
A
2 'polydeoxyribonucleotide' (DG)(DA)(DC)(DC)(DA)(DC)(DG)(DG)(DC)(DG)(DC)(DOC) B
3 'polydeoxyribonucleotide' (DA)(DA)(DA)(DA)(DG)(DG)(DC)(DG)(DC)(DC)(DG)(DT)(DG)(DG)(DT)(DC) C
#
# COMPACT_ATOMS: atom_id res chain seq x y z
N ALA A 1 0.68 -17.45 -35.29
CA ALA A 1 0.55 -18.90 -35.35
C ALA A 1 -0.92 -19.31 -35.43
N LEU A 2 -1.74 -18.78 -34.52
CA LEU A 2 -3.13 -19.17 -34.44
C LEU A 2 -3.85 -18.88 -35.76
N GLU A 3 -4.85 -19.71 -36.05
CA GLU A 3 -5.69 -19.51 -37.22
C GLU A 3 -6.71 -18.41 -36.92
N GLU A 4 -6.83 -17.45 -37.83
CA GLU A 4 -7.65 -16.27 -37.58
C GLU A 4 -9.12 -16.62 -37.84
N ALA A 5 -9.95 -16.46 -36.81
CA ALA A 5 -11.35 -16.79 -36.88
C ALA A 5 -12.18 -15.55 -36.55
N PRO A 6 -13.47 -15.56 -36.90
CA PRO A 6 -14.28 -14.35 -36.71
C PRO A 6 -14.76 -14.19 -35.29
N TRP A 7 -14.87 -12.93 -34.87
CA TRP A 7 -15.54 -12.59 -33.63
C TRP A 7 -16.98 -13.07 -33.73
N PRO A 8 -17.59 -13.48 -32.60
CA PRO A 8 -17.10 -13.57 -31.22
C PRO A 8 -16.30 -14.83 -30.93
N PRO A 9 -15.64 -14.86 -29.77
CA PRO A 9 -14.89 -16.06 -29.38
C PRO A 9 -15.76 -17.02 -28.60
N PRO A 10 -15.38 -18.29 -28.53
CA PRO A 10 -16.12 -19.23 -27.68
C PRO A 10 -15.95 -18.91 -26.21
N GLU A 11 -16.73 -19.60 -25.38
CA GLU A 11 -16.70 -19.39 -23.95
C GLU A 11 -15.34 -19.80 -23.38
N GLY A 12 -14.90 -19.08 -22.36
CA GLY A 12 -13.65 -19.39 -21.69
C GLY A 12 -12.40 -18.97 -22.44
N ALA A 13 -12.53 -18.31 -23.58
CA ALA A 13 -11.37 -17.84 -24.30
C ALA A 13 -10.59 -16.84 -23.46
N PHE A 14 -9.27 -16.84 -23.66
CA PHE A 14 -8.41 -15.82 -23.07
C PHE A 14 -8.49 -14.55 -23.89
N VAL A 15 -8.45 -13.40 -23.23
CA VAL A 15 -8.64 -12.12 -23.88
C VAL A 15 -7.30 -11.41 -23.99
N GLY A 16 -7.17 -10.61 -25.04
CA GLY A 16 -6.12 -9.62 -25.13
C GLY A 16 -6.74 -8.30 -25.47
N PHE A 17 -6.09 -7.22 -25.01
CA PHE A 17 -6.64 -5.88 -25.22
C PHE A 17 -5.52 -4.86 -25.08
N VAL A 18 -5.72 -3.72 -25.75
CA VAL A 18 -4.76 -2.63 -25.78
C VAL A 18 -5.47 -1.36 -25.36
N LEU A 19 -4.87 -0.65 -24.40
CA LEU A 19 -5.41 0.61 -23.90
C LEU A 19 -4.56 1.77 -24.37
N SER A 20 -5.20 2.92 -24.55
CA SER A 20 -4.48 4.14 -24.93
C SER A 20 -3.54 4.60 -23.83
N ARG A 21 -3.88 4.32 -22.57
CA ARG A 21 -3.05 4.69 -21.43
C ARG A 21 -3.28 3.67 -20.33
N LYS A 22 -2.37 3.66 -19.35
CA LYS A 22 -2.31 2.55 -18.41
C LYS A 22 -3.50 2.53 -17.45
N GLU A 23 -4.14 3.66 -17.19
CA GLU A 23 -5.19 3.72 -16.17
C GLU A 23 -6.53 3.30 -16.77
N PRO A 24 -7.10 2.16 -16.37
CA PRO A 24 -8.33 1.68 -17.04
C PRO A 24 -9.48 2.66 -16.99
N MET A 25 -9.63 3.44 -15.91
CA MET A 25 -10.75 4.37 -15.84
C MET A 25 -10.61 5.52 -16.83
N TRP A 26 -9.40 5.82 -17.29
CA TRP A 26 -9.17 6.93 -18.20
C TRP A 26 -8.85 6.48 -19.61
N ALA A 27 -8.81 5.19 -19.87
CA ALA A 27 -8.28 4.67 -21.11
C ALA A 27 -9.34 4.53 -22.19
N ASP A 28 -8.89 4.68 -23.43
CA ASP A 28 -9.65 4.30 -24.61
C ASP A 28 -9.28 2.86 -24.96
N LEU A 29 -10.30 2.02 -25.14
CA LEU A 29 -10.08 0.63 -25.51
C LEU A 29 -9.79 0.56 -27.00
N LEU A 30 -8.51 0.52 -27.35
CA LEU A 30 -8.10 0.58 -28.75
C LEU A 30 -8.39 -0.72 -29.49
N ALA A 31 -8.20 -1.87 -28.85
CA ALA A 31 -8.33 -3.14 -29.56
C ALA A 31 -8.62 -4.25 -28.56
N LEU A 32 -9.34 -5.26 -29.03
CA LEU A 32 -9.76 -6.40 -28.22
C LEU A 32 -9.71 -7.66 -29.07
N ALA A 33 -9.24 -8.76 -28.46
CA ALA A 33 -9.14 -10.04 -29.15
C ALA A 33 -9.21 -11.15 -28.12
N ALA A 34 -9.41 -12.38 -28.60
CA ALA A 34 -9.54 -13.53 -27.72
C ALA A 34 -8.96 -14.76 -28.41
N ALA A 35 -8.48 -15.71 -27.59
CA ALA A 35 -7.76 -16.86 -28.12
C ALA A 35 -8.18 -18.12 -27.39
N ARG A 36 -8.41 -19.19 -28.16
CA ARG A 36 -8.81 -20.47 -27.60
C ARG A 36 -8.78 -21.52 -28.69
N GLY A 37 -8.41 -22.74 -28.32
CA GLY A 37 -8.48 -23.85 -29.25
C GLY A 37 -7.72 -23.60 -30.53
N GLY A 38 -6.55 -22.97 -30.44
CA GLY A 38 -5.75 -22.73 -31.61
C GLY A 38 -6.33 -21.72 -32.57
N ARG A 39 -7.16 -20.81 -32.07
CA ARG A 39 -7.78 -19.78 -32.90
C ARG A 39 -7.61 -18.43 -32.23
N VAL A 40 -7.73 -17.37 -33.04
CA VAL A 40 -7.68 -16.00 -32.58
C VAL A 40 -8.86 -15.26 -33.18
N HIS A 41 -9.59 -14.53 -32.34
CA HIS A 41 -10.76 -13.75 -32.75
C HIS A 41 -10.47 -12.29 -32.42
N ARG A 42 -10.35 -11.46 -33.46
CA ARG A 42 -10.04 -10.05 -33.29
C ARG A 42 -11.32 -9.22 -33.45
N ALA A 43 -11.62 -8.41 -32.45
CA ALA A 43 -12.88 -7.67 -32.44
C ALA A 43 -12.85 -6.58 -33.51
N PRO A 44 -13.89 -6.49 -34.35
CA PRO A 44 -13.90 -5.39 -35.33
C PRO A 44 -14.11 -4.04 -34.67
N GLU A 45 -14.97 -3.96 -33.66
CA GLU A 45 -15.17 -2.74 -32.88
C GLU A 45 -15.03 -3.09 -31.40
N PRO A 46 -13.96 -2.66 -30.73
CA PRO A 46 -13.68 -3.20 -29.39
C PRO A 46 -14.75 -2.89 -28.35
N TYR A 47 -15.34 -1.70 -28.38
CA TYR A 47 -16.35 -1.38 -27.36
C TYR A 47 -17.59 -2.24 -27.52
N LYS A 48 -18.13 -2.32 -28.74
CA LYS A 48 -19.25 -3.21 -28.98
C LYS A 48 -18.91 -4.64 -28.57
N ALA A 49 -17.68 -5.08 -28.87
CA ALA A 49 -17.31 -6.47 -28.67
C ALA A 49 -17.20 -6.84 -27.19
N LEU A 50 -17.05 -5.86 -26.31
CA LEU A 50 -16.96 -6.15 -24.89
C LEU A 50 -18.21 -6.88 -24.39
N ARG A 51 -19.37 -6.51 -24.95
CA ARG A 51 -20.64 -7.07 -24.48
C ARG A 51 -20.73 -8.57 -24.69
N ASP A 52 -19.95 -9.13 -25.60
CA ASP A 52 -20.02 -10.56 -25.91
C ASP A 52 -19.27 -11.42 -24.91
N LEU A 53 -18.43 -10.83 -24.06
CA LEU A 53 -17.67 -11.59 -23.09
C LEU A 53 -18.43 -11.72 -21.78
N LYS A 54 -18.32 -12.89 -21.16
CA LYS A 54 -18.89 -13.16 -19.85
C LYS A 54 -17.84 -13.11 -18.74
N GLU A 55 -16.56 -13.06 -19.09
CA GLU A 55 -15.49 -13.13 -18.11
C GLU A 55 -14.22 -12.57 -18.75
N ALA A 56 -13.46 -11.80 -17.98
CA ALA A 56 -12.15 -11.32 -18.42
C ALA A 56 -11.09 -12.30 -17.95
N ARG A 57 -10.58 -13.09 -18.87
CA ARG A 57 -9.60 -14.14 -18.58
C ARG A 57 -8.34 -13.84 -19.36
N GLY A 58 -7.25 -13.52 -18.66
CA GLY A 58 -5.99 -13.25 -19.32
C GLY A 58 -5.17 -12.23 -18.54
N LEU A 59 -4.08 -11.78 -19.18
CA LEU A 59 -3.17 -10.84 -18.53
C LEU A 59 -3.89 -9.54 -18.21
N LEU A 60 -3.69 -9.05 -16.98
CA LEU A 60 -4.28 -7.79 -16.53
C LEU A 60 -5.80 -7.83 -16.62
N ALA A 61 -6.39 -8.98 -16.26
CA ALA A 61 -7.83 -9.16 -16.33
C ALA A 61 -8.58 -8.06 -15.58
N LYS A 62 -8.12 -7.71 -14.37
CA LYS A 62 -8.79 -6.69 -13.58
C LYS A 62 -8.93 -5.37 -14.35
N ASP A 63 -7.87 -4.95 -15.04
CA ASP A 63 -7.93 -3.65 -15.71
C ASP A 63 -9.06 -3.60 -16.74
N LEU A 64 -9.17 -4.63 -17.57
CA LEU A 64 -10.25 -4.66 -18.55
C LEU A 64 -11.61 -4.75 -17.86
N SER A 65 -11.70 -5.44 -16.73
CA SER A 65 -12.95 -5.48 -15.97
CA SER A 65 -12.95 -5.48 -15.97
C SER A 65 -13.32 -4.09 -15.47
N VAL A 66 -12.33 -3.32 -14.99
CA VAL A 66 -12.60 -1.97 -14.53
C VAL A 66 -13.15 -1.13 -15.68
N LEU A 67 -12.56 -1.27 -16.86
CA LEU A 67 -13.05 -0.52 -18.02
C LEU A 67 -14.46 -0.97 -18.37
N ALA A 68 -14.71 -2.29 -18.34
CA ALA A 68 -16.06 -2.78 -18.58
C ALA A 68 -17.04 -2.21 -17.57
N LEU A 69 -16.72 -2.28 -16.28
CA LEU A 69 -17.58 -1.69 -15.26
C LEU A 69 -17.84 -0.22 -15.54
N ARG A 70 -16.80 0.53 -15.89
CA ARG A 70 -16.97 1.92 -16.25
C ARG A 70 -18.03 2.08 -17.34
N GLU A 71 -18.07 1.14 -18.27
CA GLU A 71 -18.99 1.20 -19.40
C GLU A 71 -20.35 0.55 -19.08
N GLY A 72 -20.62 0.23 -17.82
CA GLY A 72 -21.90 -0.33 -17.43
C GLY A 72 -22.04 -1.82 -17.63
N LEU A 73 -20.94 -2.53 -17.87
CA LEU A 73 -20.94 -3.95 -18.13
C LEU A 73 -20.37 -4.69 -16.93
N GLY A 74 -21.07 -5.74 -16.50
CA GLY A 74 -20.57 -6.58 -15.44
C GLY A 74 -19.76 -7.71 -16.03
N LEU A 75 -18.48 -7.45 -16.22
CA LEU A 75 -17.53 -8.41 -16.78
C LEU A 75 -16.50 -8.69 -15.70
N PRO A 76 -16.67 -9.74 -14.90
CA PRO A 76 -15.75 -9.99 -13.80
C PRO A 76 -14.45 -10.57 -14.30
N PRO A 77 -13.33 -10.24 -13.67
CA PRO A 77 -12.06 -10.89 -14.03
C PRO A 77 -12.00 -12.31 -13.49
N GLY A 78 -11.33 -13.17 -14.25
CA GLY A 78 -11.09 -14.56 -13.88
C GLY A 78 -9.60 -14.88 -13.84
N ASP A 79 -9.18 -15.97 -14.48
CA ASP A 79 -7.77 -16.34 -14.42
C ASP A 79 -6.90 -15.23 -15.01
N ASP A 80 -5.77 -15.00 -14.37
CA ASP A 80 -4.81 -14.02 -14.85
C ASP A 80 -3.40 -14.57 -14.61
N PRO A 81 -2.62 -14.80 -15.68
CA PRO A 81 -1.27 -15.34 -15.46
C PRO A 81 -0.39 -14.48 -14.55
N MET A 82 -0.59 -13.16 -14.54
CA MET A 82 0.19 -12.31 -13.64
C MET A 82 0.05 -12.76 -12.19
N LEU A 83 -1.17 -13.16 -11.78
CA LEU A 83 -1.37 -13.61 -10.41
C LEU A 83 -0.66 -14.93 -10.15
N LEU A 84 -0.63 -15.83 -11.13
CA LEU A 84 0.10 -17.08 -10.97
C LEU A 84 1.59 -16.79 -10.84
N ALA A 85 2.12 -15.90 -11.69
CA ALA A 85 3.54 -15.61 -11.68
C ALA A 85 3.95 -14.87 -10.41
N TYR A 86 3.08 -13.98 -9.92
CA TYR A 86 3.38 -13.23 -8.71
C TYR A 86 3.43 -14.13 -7.49
N LEU A 87 2.61 -15.18 -7.46
CA LEU A 87 2.64 -16.12 -6.36
C LEU A 87 3.87 -17.02 -6.42
N LEU A 88 4.28 -17.42 -7.62
CA LEU A 88 5.52 -18.19 -7.75
C LEU A 88 6.72 -17.38 -7.29
N ASP A 89 6.75 -16.09 -7.62
CA ASP A 89 7.88 -15.24 -7.30
C ASP A 89 7.38 -13.79 -7.34
N PRO A 90 7.27 -13.09 -6.21
CA PRO A 90 6.69 -11.74 -6.25
C PRO A 90 7.55 -10.72 -6.96
N SER A 91 8.77 -11.05 -7.38
N SER A 91 8.77 -11.05 -7.38
CA SER A 91 9.50 -10.15 -8.28
CA SER A 91 9.52 -10.18 -8.28
C SER A 91 8.88 -10.12 -9.67
C SER A 91 8.88 -10.13 -9.66
N ASN A 92 7.92 -11.02 -9.94
CA ASN A 92 7.15 -10.99 -11.19
C ASN A 92 6.07 -9.94 -11.04
N THR A 93 6.33 -8.72 -11.54
CA THR A 93 5.40 -7.61 -11.36
C THR A 93 4.89 -6.99 -12.66
N THR A 94 5.51 -7.24 -13.80
CA THR A 94 5.11 -6.62 -15.06
C THR A 94 4.77 -7.67 -16.11
N PRO A 95 3.84 -7.38 -17.01
CA PRO A 95 3.62 -8.30 -18.13
C PRO A 95 4.85 -8.44 -19.00
N GLU A 96 5.62 -7.37 -19.15
CA GLU A 96 6.89 -7.44 -19.86
C GLU A 96 7.75 -8.58 -19.32
N GLY A 97 8.00 -8.56 -18.01
CA GLY A 97 8.94 -9.51 -17.44
C GLY A 97 8.36 -10.91 -17.39
N VAL A 98 7.08 -11.03 -17.06
CA VAL A 98 6.45 -12.34 -16.93
C VAL A 98 6.47 -13.06 -18.27
N ALA A 99 6.10 -12.37 -19.35
CA ALA A 99 6.11 -12.99 -20.67
C ALA A 99 7.52 -13.45 -21.04
N ARG A 100 8.50 -12.57 -20.91
CA ARG A 100 9.88 -12.94 -21.23
C ARG A 100 10.32 -14.15 -20.42
N ARG A 101 9.84 -14.25 -19.18
CA ARG A 101 10.30 -15.32 -18.30
C ARG A 101 9.55 -16.63 -18.56
N TYR A 102 8.27 -16.57 -18.92
CA TYR A 102 7.44 -17.77 -18.99
C TYR A 102 6.92 -18.06 -20.40
N GLY A 103 7.47 -17.39 -21.41
CA GLY A 103 7.35 -17.92 -22.76
C GLY A 103 6.60 -17.06 -23.75
N GLY A 104 7.07 -15.84 -23.98
CA GLY A 104 6.44 -14.97 -24.95
C GLY A 104 7.03 -13.57 -24.91
N GLU A 105 6.29 -12.64 -25.47
CA GLU A 105 6.72 -11.25 -25.56
C GLU A 105 5.47 -10.38 -25.47
N TRP A 106 5.47 -9.48 -24.50
CA TRP A 106 4.39 -8.50 -24.35
C TRP A 106 4.52 -7.47 -25.47
N THR A 107 3.65 -7.56 -26.46
CA THR A 107 3.63 -6.63 -27.57
C THR A 107 2.54 -5.59 -27.33
N GLU A 108 2.22 -4.84 -28.37
CA GLU A 108 1.18 -3.81 -28.32
C GLU A 108 0.05 -4.13 -29.29
N GLU A 109 -0.24 -5.42 -29.44
CA GLU A 109 -1.29 -5.91 -30.33
C GLU A 109 -2.17 -6.89 -29.57
N ALA A 110 -3.49 -6.68 -29.65
CA ALA A 110 -4.40 -7.41 -28.77
C ALA A 110 -4.44 -8.89 -29.10
N GLY A 111 -4.46 -9.25 -30.39
CA GLY A 111 -4.42 -10.66 -30.74
C GLY A 111 -3.21 -11.36 -30.17
N GLU A 112 -2.04 -10.74 -30.28
CA GLU A 112 -0.84 -11.35 -29.74
C GLU A 112 -0.89 -11.40 -28.22
N ARG A 113 -1.53 -10.41 -27.58
CA ARG A 113 -1.67 -10.47 -26.13
C ARG A 113 -2.61 -11.58 -25.72
N ALA A 114 -3.68 -11.81 -26.49
CA ALA A 114 -4.60 -12.91 -26.20
C ALA A 114 -3.89 -14.26 -26.29
N ALA A 115 -3.22 -14.51 -27.41
CA ALA A 115 -2.49 -15.77 -27.56
C ALA A 115 -1.43 -15.92 -26.49
N LEU A 116 -0.76 -14.82 -26.13
CA LEU A 116 0.21 -14.84 -25.04
C LEU A 116 -0.44 -15.23 -23.72
N SER A 117 -1.56 -14.58 -23.38
CA SER A 117 -2.28 -14.94 -22.16
C SER A 117 -2.58 -16.43 -22.11
N GLU A 118 -3.06 -17.00 -23.22
CA GLU A 118 -3.36 -18.42 -23.24
C GLU A 118 -2.11 -19.25 -22.93
N ARG A 119 -1.01 -19.01 -23.65
CA ARG A 119 0.12 -19.91 -23.49
C ARG A 119 0.84 -19.66 -22.16
N LEU A 120 0.91 -18.41 -21.71
CA LEU A 120 1.44 -18.14 -20.38
C LEU A 120 0.62 -18.84 -19.31
N PHE A 121 -0.70 -18.80 -19.40
CA PHE A 121 -1.52 -19.47 -18.40
C PHE A 121 -1.24 -20.96 -18.35
N ALA A 122 -1.16 -21.61 -19.51
CA ALA A 122 -0.83 -23.03 -19.54
C ALA A 122 0.50 -23.31 -18.86
N ASN A 123 1.53 -22.54 -19.20
CA ASN A 123 2.86 -22.82 -18.63
C ASN A 123 2.85 -22.56 -17.13
N LEU A 124 2.33 -21.42 -16.70
CA LEU A 124 2.34 -21.04 -15.29
C LEU A 124 1.49 -21.98 -14.45
N TRP A 125 0.31 -22.37 -14.95
CA TRP A 125 -0.45 -23.41 -14.28
C TRP A 125 0.40 -24.67 -14.10
N GLY A 126 1.13 -25.06 -15.14
CA GLY A 126 2.04 -26.19 -14.99
C GLY A 126 3.05 -26.00 -13.87
N ARG A 127 3.54 -24.78 -13.70
CA ARG A 127 4.51 -24.53 -12.63
C ARG A 127 3.89 -24.70 -11.25
N LEU A 128 2.58 -24.47 -11.11
CA LEU A 128 1.96 -24.51 -9.79
C LEU A 128 1.47 -25.90 -9.38
N GLU A 129 1.11 -26.78 -10.31
CA GLU A 129 0.63 -28.09 -9.89
C GLU A 129 1.66 -28.73 -8.96
N GLY A 130 1.22 -29.08 -7.76
CA GLY A 130 2.12 -29.55 -6.73
C GLY A 130 2.24 -28.54 -5.61
N GLU A 131 2.22 -27.25 -5.99
CA GLU A 131 2.31 -26.14 -5.04
C GLU A 131 0.92 -25.88 -4.47
N GLU A 132 0.50 -26.75 -3.55
CA GLU A 132 -0.88 -26.71 -3.06
C GLU A 132 -1.17 -25.42 -2.29
N ARG A 133 -0.22 -24.93 -1.50
CA ARG A 133 -0.49 -23.73 -0.72
C ARG A 133 -0.60 -22.49 -1.60
N LEU A 134 0.29 -22.35 -2.59
CA LEU A 134 0.15 -21.25 -3.55
C LEU A 134 -1.15 -21.39 -4.34
N LEU A 135 -1.52 -22.62 -4.71
CA LEU A 135 -2.81 -22.82 -5.36
C LEU A 135 -3.97 -22.35 -4.46
N TRP A 136 -3.89 -22.66 -3.17
CA TRP A 136 -4.93 -22.19 -2.25
C TRP A 136 -5.00 -20.68 -2.23
N LEU A 137 -3.83 -20.01 -2.24
CA LEU A 137 -3.81 -18.55 -2.25
C LEU A 137 -4.40 -18.01 -3.55
N TYR A 138 -4.12 -18.66 -4.67
CA TYR A 138 -4.66 -18.18 -5.94
C TYR A 138 -6.18 -18.34 -5.97
N ARG A 139 -6.68 -19.51 -5.59
CA ARG A 139 -8.10 -19.80 -5.71
C ARG A 139 -8.93 -19.05 -4.67
N GLU A 140 -8.48 -19.01 -3.42
CA GLU A 140 -9.28 -18.47 -2.33
C GLU A 140 -8.96 -17.02 -2.01
N VAL A 141 -7.85 -16.47 -2.50
CA VAL A 141 -7.49 -15.09 -2.18
C VAL A 141 -7.34 -14.26 -3.45
N GLU A 142 -6.27 -14.49 -4.22
CA GLU A 142 -5.89 -13.53 -5.27
C GLU A 142 -6.94 -13.46 -6.39
N ARG A 143 -7.33 -14.60 -6.96
CA ARG A 143 -8.28 -14.54 -8.08
C ARG A 143 -9.61 -13.91 -7.67
N PRO A 144 -10.25 -14.30 -6.58
CA PRO A 144 -11.47 -13.58 -6.18
C PRO A 144 -11.21 -12.16 -5.76
N LEU A 145 -10.03 -11.86 -5.18
CA LEU A 145 -9.74 -10.49 -4.82
C LEU A 145 -9.69 -9.59 -6.04
N SER A 146 -9.23 -10.10 -7.18
CA SER A 146 -9.16 -9.24 -8.37
C SER A 146 -10.54 -8.70 -8.73
N ALA A 147 -11.59 -9.51 -8.56
CA ALA A 147 -12.95 -9.05 -8.80
C ALA A 147 -13.34 -7.94 -7.83
N VAL A 148 -12.99 -8.09 -6.55
CA VAL A 148 -13.25 -7.08 -5.54
C VAL A 148 -12.58 -5.77 -5.91
N LEU A 149 -11.29 -5.85 -6.26
CA LEU A 149 -10.53 -4.64 -6.57
C LEU A 149 -11.09 -3.93 -7.78
N ALA A 150 -11.56 -4.68 -8.78
CA ALA A 150 -12.12 -4.03 -9.95
C ALA A 150 -13.32 -3.18 -9.56
N HIS A 151 -14.18 -3.69 -8.67
CA HIS A 151 -15.32 -2.89 -8.23
C HIS A 151 -14.88 -1.66 -7.45
N MET A 152 -13.87 -1.81 -6.57
CA MET A 152 -13.36 -0.67 -5.83
C MET A 152 -12.86 0.42 -6.78
N GLU A 153 -12.03 0.02 -7.75
CA GLU A 153 -11.48 0.97 -8.71
C GLU A 153 -12.59 1.68 -9.49
N ALA A 154 -13.62 0.95 -9.91
CA ALA A 154 -14.66 1.56 -10.73
C ALA A 154 -15.59 2.43 -9.91
N THR A 155 -15.69 2.19 -8.60
CA THR A 155 -16.59 2.95 -7.75
C THR A 155 -16.04 4.35 -7.46
N GLY A 156 -14.76 4.46 -7.13
CA GLY A 156 -14.17 5.74 -6.81
C GLY A 156 -14.58 6.25 -5.43
N VAL A 157 -14.06 7.43 -5.11
CA VAL A 157 -14.33 8.09 -3.84
C VAL A 157 -14.69 9.54 -4.13
N ARG A 158 -15.62 10.08 -3.37
CA ARG A 158 -16.05 11.46 -3.52
C ARG A 158 -15.04 12.40 -2.86
N LEU A 159 -14.77 13.51 -3.52
CA LEU A 159 -13.78 14.49 -3.06
C LEU A 159 -14.42 15.87 -3.07
N ASP A 160 -14.13 16.67 -2.05
CA ASP A 160 -14.62 18.04 -1.97
C ASP A 160 -13.66 18.96 -2.74
N VAL A 161 -13.95 19.13 -4.03
CA VAL A 161 -13.06 19.88 -4.91
C VAL A 161 -12.96 21.35 -4.48
N ALA A 162 -14.10 22.00 -4.27
CA ALA A 162 -14.07 23.44 -3.96
C ALA A 162 -13.27 23.70 -2.69
N TYR A 163 -13.38 22.81 -1.70
CA TYR A 163 -12.64 22.95 -0.46
C TYR A 163 -11.13 22.95 -0.70
N LEU A 164 -10.66 21.95 -1.46
CA LEU A 164 -9.23 21.88 -1.75
C LEU A 164 -8.76 23.09 -2.54
N ARG A 165 -9.56 23.55 -3.49
CA ARG A 165 -9.12 24.71 -4.26
C ARG A 165 -9.02 25.95 -3.37
N ALA A 166 -9.97 26.11 -2.46
CA ALA A 166 -9.86 27.19 -1.48
C ALA A 166 -8.63 27.01 -0.60
N LEU A 167 -8.32 25.77 -0.22
CA LEU A 167 -7.16 25.54 0.63
C LEU A 167 -5.86 25.90 -0.09
N SER A 168 -5.74 25.52 -1.37
CA SER A 168 -4.57 25.88 -2.16
C SER A 168 -4.20 27.36 -2.01
N LEU A 169 -5.19 28.24 -2.12
CA LEU A 169 -4.91 29.68 -2.10
C LEU A 169 -4.34 30.12 -0.76
N GLU A 170 -4.87 29.58 0.35
CA GLU A 170 -4.33 29.91 1.68
C GLU A 170 -2.91 29.38 1.83
N VAL A 171 -2.69 28.11 1.46
CA VAL A 171 -1.37 27.51 1.66
C VAL A 171 -0.32 28.23 0.81
N ALA A 172 -0.70 28.67 -0.38
CA ALA A 172 0.23 29.43 -1.23
C ALA A 172 0.77 30.65 -0.49
N GLU A 173 -0.12 31.44 0.11
CA GLU A 173 0.33 32.63 0.83
C GLU A 173 1.25 32.27 1.99
N GLU A 174 0.92 31.21 2.72
CA GLU A 174 1.77 30.78 3.82
C GLU A 174 3.12 30.30 3.32
N ILE A 175 3.15 29.62 2.17
CA ILE A 175 4.40 29.18 1.57
C ILE A 175 5.28 30.38 1.24
N ALA A 176 4.70 31.42 0.65
CA ALA A 176 5.49 32.58 0.28
C ALA A 176 6.08 33.24 1.51
N ARG A 177 5.33 33.27 2.61
CA ARG A 177 5.82 33.82 3.86
C ARG A 177 7.08 33.09 4.31
N LEU A 178 7.05 31.76 4.24
CA LEU A 178 8.18 30.97 4.70
C LEU A 178 9.39 31.12 3.79
N GLU A 179 9.18 31.04 2.47
CA GLU A 179 10.32 31.09 1.57
C GLU A 179 10.97 32.47 1.59
N ALA A 180 10.18 33.52 1.78
CA ALA A 180 10.75 34.86 1.85
C ALA A 180 11.64 35.01 3.09
N GLU A 181 11.25 34.37 4.20
CA GLU A 181 12.10 34.38 5.38
C GLU A 181 13.38 33.58 5.13
N VAL A 182 13.25 32.44 4.46
CA VAL A 182 14.42 31.63 4.13
C VAL A 182 15.42 32.45 3.32
N PHE A 183 14.93 33.11 2.26
CA PHE A 183 15.82 33.93 1.43
C PHE A 183 16.46 35.04 2.24
N ARG A 184 15.66 35.74 3.05
CA ARG A 184 16.23 36.77 3.93
C ARG A 184 17.37 36.19 4.76
N LEU A 185 17.12 35.05 5.43
CA LEU A 185 18.14 34.47 6.30
C LEU A 185 19.37 34.04 5.49
N ALA A 186 19.16 33.47 4.31
CA ALA A 186 20.28 33.11 3.45
C ALA A 186 21.02 34.33 2.93
N GLY A 187 20.35 35.48 2.86
CA GLY A 187 20.96 36.68 2.31
C GLY A 187 20.79 36.84 0.82
N HIS A 188 20.02 35.97 0.17
CA HIS A 188 19.79 36.03 -1.27
C HIS A 188 18.79 34.93 -1.63
N PRO A 189 18.16 35.03 -2.80
CA PRO A 189 17.24 33.99 -3.23
C PRO A 189 17.94 32.87 -3.99
N PHE A 190 17.24 31.75 -4.08
CA PHE A 190 17.67 30.55 -4.79
C PHE A 190 16.44 29.65 -4.89
N ASN A 191 16.60 28.51 -5.57
CA ASN A 191 15.49 27.56 -5.71
C ASN A 191 15.42 26.68 -4.47
N LEU A 192 14.54 27.04 -3.54
CA LEU A 192 14.43 26.29 -2.30
C LEU A 192 13.96 24.85 -2.53
N ASN A 193 13.40 24.54 -3.71
CA ASN A 193 12.99 23.19 -4.06
C ASN A 193 14.14 22.32 -4.51
N SER A 194 15.31 22.89 -4.74
CA SER A 194 16.47 22.17 -5.23
C SER A 194 17.37 21.84 -4.03
N ARG A 195 17.37 20.58 -3.62
CA ARG A 195 18.19 20.19 -2.49
C ARG A 195 19.68 20.42 -2.78
N ASP A 196 20.09 20.44 -4.05
CA ASP A 196 21.50 20.74 -4.35
C ASP A 196 21.82 22.19 -4.02
N GLN A 197 20.97 23.13 -4.44
CA GLN A 197 21.20 24.53 -4.11
C GLN A 197 21.11 24.76 -2.60
N LEU A 198 20.16 24.09 -1.93
CA LEU A 198 20.05 24.23 -0.49
C LEU A 198 21.26 23.64 0.25
N GLU A 199 21.86 22.58 -0.29
CA GLU A 199 23.05 22.01 0.34
C GLU A 199 24.16 23.03 0.41
N ARG A 200 24.41 23.74 -0.69
CA ARG A 200 25.45 24.77 -0.71
C ARG A 200 25.15 25.86 0.30
N VAL A 201 23.90 26.33 0.34
CA VAL A 201 23.55 27.44 1.22
C VAL A 201 23.82 27.07 2.67
N LEU A 202 23.34 25.90 3.10
CA LEU A 202 23.44 25.53 4.51
C LEU A 202 24.87 25.19 4.89
N PHE A 203 25.59 24.45 4.04
CA PHE A 203 26.85 23.84 4.43
C PHE A 203 28.07 24.60 3.94
N ASP A 204 28.01 25.20 2.75
CA ASP A 204 29.12 26.03 2.28
C ASP A 204 28.95 27.47 2.73
N GLU A 205 27.81 28.10 2.42
CA GLU A 205 27.65 29.52 2.74
C GLU A 205 27.47 29.73 4.23
N LEU A 206 26.38 29.21 4.79
CA LEU A 206 26.15 29.35 6.22
C LEU A 206 27.09 28.50 7.05
N GLY A 207 27.87 27.63 6.43
CA GLY A 207 28.81 26.80 7.19
C GLY A 207 28.17 26.03 8.33
N LEU A 208 26.99 25.45 8.09
CA LEU A 208 26.40 24.58 9.10
C LEU A 208 27.12 23.23 9.09
N PRO A 209 27.12 22.51 10.21
CA PRO A 209 27.73 21.18 10.24
C PRO A 209 26.91 20.20 9.40
N ALA A 210 27.57 19.59 8.42
CA ALA A 210 26.97 18.49 7.68
C ALA A 210 26.94 17.25 8.57
N ILE A 211 25.80 16.56 8.60
CA ILE A 211 25.58 15.45 9.51
C ILE A 211 25.53 14.12 8.76
N GLY A 212 24.94 14.10 7.57
CA GLY A 212 24.75 12.86 6.86
C GLY A 212 24.95 13.03 5.37
N LYS A 213 25.17 11.90 4.71
CA LYS A 213 25.35 11.84 3.27
C LYS A 213 24.21 11.07 2.61
N THR A 214 23.97 11.38 1.34
CA THR A 214 22.94 10.68 0.57
C THR A 214 23.44 9.33 0.10
N GLU A 215 22.49 8.45 -0.23
CA GLU A 215 22.79 7.03 -0.40
C GLU A 215 23.62 6.78 -1.67
N LYS A 216 23.15 7.26 -2.81
CA LYS A 216 23.75 6.89 -4.09
C LYS A 216 24.89 7.80 -4.52
N THR A 217 24.84 9.09 -4.17
CA THR A 217 25.80 10.05 -4.67
C THR A 217 26.68 10.67 -3.59
N GLY A 218 26.42 10.39 -2.32
CA GLY A 218 27.34 10.85 -1.30
C GLY A 218 27.37 12.35 -1.13
N LYS A 219 26.30 13.05 -1.46
CA LYS A 219 26.22 14.48 -1.18
C LYS A 219 25.82 14.70 0.28
N ARG A 220 26.04 15.91 0.76
CA ARG A 220 25.65 16.24 2.13
C ARG A 220 24.14 16.35 2.19
N SER A 221 23.51 15.55 3.04
CA SER A 221 22.06 15.41 3.04
C SER A 221 21.38 16.64 3.64
N THR A 222 20.22 17.00 3.07
CA THR A 222 19.32 18.00 3.64
C THR A 222 18.02 17.38 4.12
N SER A 223 18.03 16.09 4.44
CA SER A 223 16.82 15.39 4.84
C SER A 223 16.25 15.99 6.13
N ALA A 224 14.97 15.71 6.36
CA ALA A 224 14.31 16.21 7.57
C ALA A 224 15.03 15.75 8.82
N ALA A 225 15.53 14.51 8.83
CA ALA A 225 16.25 14.02 10.00
C ALA A 225 17.52 14.82 10.23
N VAL A 226 18.22 15.19 9.16
CA VAL A 226 19.41 16.01 9.30
C VAL A 226 19.03 17.42 9.78
N LEU A 227 18.03 18.03 9.13
CA LEU A 227 17.60 19.36 9.55
C LEU A 227 17.07 19.35 10.97
N GLU A 228 16.53 18.22 11.42
CA GLU A 228 16.06 18.12 12.80
C GLU A 228 17.20 18.35 13.77
N ALA A 229 18.37 17.78 13.47
CA ALA A 229 19.53 17.94 14.33
C ALA A 229 20.03 19.38 14.35
N LEU A 230 19.68 20.18 13.34
CA LEU A 230 20.17 21.56 13.22
C LEU A 230 19.09 22.59 13.57
N ARG A 231 17.94 22.16 14.08
CA ARG A 231 16.84 23.09 14.31
C ARG A 231 17.24 24.29 15.16
N GLU A 232 18.37 24.21 15.86
CA GLU A 232 18.82 25.28 16.73
C GLU A 232 20.14 25.90 16.32
N ALA A 233 20.87 25.29 15.39
CA ALA A 233 22.12 25.87 14.91
C ALA A 233 21.89 27.16 14.14
N HIS A 234 20.69 27.37 13.61
CA HIS A 234 20.42 28.52 12.76
C HIS A 234 18.92 28.59 12.48
N PRO A 235 18.31 29.78 12.53
CA PRO A 235 16.84 29.82 12.42
C PRO A 235 16.33 29.37 11.06
N ILE A 236 17.13 29.46 10.00
CA ILE A 236 16.65 29.09 8.68
C ILE A 236 16.20 27.63 8.65
N VAL A 237 16.77 26.80 9.52
CA VAL A 237 16.46 25.37 9.48
C VAL A 237 14.97 25.15 9.69
N GLU A 238 14.41 25.75 10.74
CA GLU A 238 13.00 25.56 11.04
C GLU A 238 12.13 26.08 9.90
N LYS A 239 12.45 27.26 9.37
CA LYS A 239 11.69 27.79 8.25
C LYS A 239 11.67 26.79 7.10
N ILE A 240 12.81 26.14 6.84
CA ILE A 240 12.89 25.19 5.75
C ILE A 240 11.99 23.98 6.03
N LEU A 241 12.00 23.49 7.28
CA LEU A 241 11.18 22.32 7.61
C LEU A 241 9.70 22.64 7.42
N GLN A 242 9.27 23.84 7.83
CA GLN A 242 7.88 24.21 7.60
C GLN A 242 7.60 24.41 6.12
N TYR A 243 8.54 25.01 5.38
CA TYR A 243 8.40 25.15 3.92
C TYR A 243 8.20 23.79 3.26
N ARG A 244 9.03 22.81 3.62
CA ARG A 244 8.90 21.50 2.99
C ARG A 244 7.58 20.85 3.34
N GLU A 245 7.11 21.00 4.59
CA GLU A 245 5.84 20.38 4.94
C GLU A 245 4.74 20.90 4.03
N LEU A 246 4.65 22.22 3.86
CA LEU A 246 3.56 22.81 3.09
C LEU A 246 3.67 22.47 1.60
N THR A 247 4.86 22.65 1.01
CA THR A 247 4.98 22.42 -0.43
C THR A 247 4.82 20.95 -0.78
N LYS A 248 5.25 20.05 0.10
CA LYS A 248 5.01 18.63 -0.12
C LYS A 248 3.52 18.33 -0.22
N LEU A 249 2.75 18.86 0.73
CA LEU A 249 1.31 18.60 0.77
C LEU A 249 0.60 19.29 -0.38
N LYS A 250 1.03 20.51 -0.70
CA LYS A 250 0.40 21.27 -1.77
C LYS A 250 0.65 20.63 -3.12
N SER A 251 1.90 20.30 -3.41
CA SER A 251 2.27 19.77 -4.72
C SER A 251 1.81 18.33 -4.91
N THR A 252 1.66 17.55 -3.84
CA THR A 252 1.34 16.14 -3.97
C THR A 252 -0.15 15.85 -3.85
N TYR A 253 -0.90 16.67 -3.10
CA TYR A 253 -2.32 16.37 -2.85
C TYR A 253 -3.23 17.53 -3.21
N ILE A 254 -3.01 18.69 -2.59
CA ILE A 254 -3.98 19.79 -2.70
C ILE A 254 -4.19 20.16 -4.15
N ASP A 255 -3.11 20.29 -4.92
CA ASP A 255 -3.23 20.81 -6.27
C ASP A 255 -3.55 19.70 -7.27
N PRO A 256 -2.92 18.54 -7.20
CA PRO A 256 -3.19 17.48 -8.20
C PRO A 256 -4.58 16.87 -8.11
N LEU A 257 -5.04 16.53 -6.90
CA LEU A 257 -6.23 15.71 -6.77
C LEU A 257 -7.47 16.33 -7.38
N PRO A 258 -7.73 17.63 -7.24
CA PRO A 258 -8.94 18.19 -7.82
C PRO A 258 -9.05 18.00 -9.32
N ASP A 259 -7.93 17.94 -10.04
CA ASP A 259 -7.95 17.78 -11.49
C ASP A 259 -8.16 16.34 -11.93
N LEU A 260 -8.31 15.39 -11.01
CA LEU A 260 -8.44 13.98 -11.37
C LEU A 260 -9.87 13.45 -11.24
N ILE A 261 -10.85 14.32 -11.02
CA ILE A 261 -12.24 13.88 -10.91
C ILE A 261 -12.71 13.39 -12.27
N HIS A 262 -13.32 12.21 -12.27
CA HIS A 262 -13.74 11.64 -13.54
C HIS A 262 -15.01 12.34 -14.03
N PRO A 263 -15.09 12.67 -15.33
CA PRO A 263 -16.25 13.43 -15.81
C PRO A 263 -17.56 12.67 -15.75
N ARG A 264 -17.56 11.35 -15.94
CA ARG A 264 -18.82 10.63 -15.97
C ARG A 264 -19.24 10.12 -14.60
N THR A 265 -18.30 9.87 -13.69
CA THR A 265 -18.64 9.42 -12.35
C THR A 265 -18.69 10.57 -11.34
N GLY A 266 -17.96 11.65 -11.60
CA GLY A 266 -17.85 12.71 -10.62
C GLY A 266 -17.01 12.35 -9.42
N ARG A 267 -16.24 11.26 -9.49
CA ARG A 267 -15.45 10.81 -8.36
C ARG A 267 -13.98 10.63 -8.76
N LEU A 268 -13.18 10.35 -7.73
CA LEU A 268 -11.74 10.09 -7.82
C LEU A 268 -11.48 8.59 -7.82
N HIS A 269 -10.70 8.11 -8.80
CA HIS A 269 -10.48 6.68 -9.00
C HIS A 269 -8.99 6.34 -8.93
N THR A 270 -8.61 5.51 -7.97
CA THR A 270 -7.25 4.98 -7.89
C THR A 270 -7.18 3.62 -8.56
N ARG A 271 -5.97 3.10 -8.65
CA ARG A 271 -5.75 1.73 -9.07
C ARG A 271 -5.14 0.97 -7.91
N PHE A 272 -5.61 -0.26 -7.69
CA PHE A 272 -5.10 -1.12 -6.63
C PHE A 272 -4.25 -2.21 -7.29
N ASN A 273 -2.95 -2.04 -7.21
CA ASN A 273 -2.05 -2.92 -7.93
C ASN A 273 -1.83 -4.18 -7.12
N GLN A 274 -2.05 -5.32 -7.78
CA GLN A 274 -2.09 -6.61 -7.12
C GLN A 274 -0.82 -7.41 -7.26
N THR A 275 0.10 -7.02 -8.15
CA THR A 275 1.38 -7.71 -8.31
C THR A 275 2.51 -6.68 -8.31
N ALA A 276 2.61 -5.94 -7.21
CA ALA A 276 3.50 -4.79 -7.13
C ALA A 276 4.50 -4.81 -5.97
N THR A 277 4.31 -5.65 -4.94
CA THR A 277 5.16 -5.60 -3.77
C THR A 277 5.80 -6.95 -3.50
N ALA A 278 6.93 -6.90 -2.79
CA ALA A 278 7.70 -8.09 -2.48
C ALA A 278 7.11 -8.91 -1.33
N THR A 279 6.15 -8.35 -0.58
CA THR A 279 5.63 -8.99 0.62
C THR A 279 4.21 -9.52 0.48
N GLY A 280 3.51 -9.18 -0.60
CA GLY A 280 2.09 -9.52 -0.75
C GLY A 280 1.14 -8.37 -0.50
N ARG A 281 1.64 -7.23 -0.05
CA ARG A 281 0.80 -6.05 0.08
C ARG A 281 0.29 -5.61 -1.28
N LEU A 282 -0.88 -4.96 -1.28
CA LEU A 282 -1.29 -4.17 -2.43
C LEU A 282 -0.48 -2.88 -2.47
N SER A 283 -0.53 -2.21 -3.62
CA SER A 283 -0.18 -0.80 -3.67
C SER A 283 -1.29 -0.04 -4.39
N SER A 284 -1.15 1.28 -4.42
CA SER A 284 -2.14 2.19 -4.98
C SER A 284 -1.43 3.24 -5.81
N SER A 285 -1.98 3.58 -6.97
CA SER A 285 -1.33 4.55 -7.84
C SER A 285 -2.35 5.25 -8.72
N ASP A 286 -1.94 6.41 -9.24
CA ASP A 286 -2.64 7.11 -10.32
C ASP A 286 -4.08 7.53 -9.99
N PRO A 287 -4.28 8.19 -8.84
CA PRO A 287 -3.31 8.59 -7.84
C PRO A 287 -3.16 7.58 -6.72
N ASN A 288 -2.08 7.69 -5.95
CA ASN A 288 -1.91 6.87 -4.76
C ASN A 288 -2.83 7.40 -3.67
N LEU A 289 -3.76 6.56 -3.21
CA LEU A 289 -4.66 6.92 -2.13
C LEU A 289 -4.36 6.14 -0.86
N GLN A 290 -3.25 5.42 -0.81
CA GLN A 290 -2.76 4.83 0.42
C GLN A 290 -1.77 5.70 1.18
N ASN A 291 -1.51 6.93 0.72
CA ASN A 291 -0.62 7.83 1.44
C ASN A 291 -1.22 9.22 1.55
N ILE A 292 -2.54 9.27 1.75
CA ILE A 292 -3.21 10.56 1.99
C ILE A 292 -2.83 11.07 3.37
N PRO A 293 -2.55 12.38 3.52
CA PRO A 293 -2.06 12.89 4.80
C PRO A 293 -3.01 12.63 5.95
N VAL A 294 -2.43 12.52 7.15
CA VAL A 294 -3.19 12.32 8.37
C VAL A 294 -2.45 12.85 9.59
N ARG A 295 -1.13 13.04 9.49
CA ARG A 295 -0.33 13.28 10.69
C ARG A 295 -0.45 14.72 11.19
N THR A 296 -0.27 15.69 10.32
CA THR A 296 -0.18 17.08 10.73
C THR A 296 -1.52 17.77 10.59
N PRO A 297 -1.70 18.94 11.24
CA PRO A 297 -2.95 19.67 11.08
C PRO A 297 -3.32 19.93 9.62
N LEU A 298 -2.39 20.41 8.80
CA LEU A 298 -2.71 20.58 7.39
C LEU A 298 -3.05 19.24 6.74
N GLY A 299 -2.26 18.21 7.00
CA GLY A 299 -2.59 16.90 6.46
C GLY A 299 -3.99 16.45 6.84
N GLN A 300 -4.39 16.70 8.09
CA GLN A 300 -5.74 16.34 8.50
C GLN A 300 -6.78 17.12 7.70
N ARG A 301 -6.58 18.43 7.53
CA ARG A 301 -7.43 19.24 6.67
C ARG A 301 -7.59 18.60 5.29
N ILE A 302 -6.50 18.07 4.73
CA ILE A 302 -6.58 17.46 3.41
C ILE A 302 -7.41 16.17 3.48
N ARG A 303 -7.20 15.37 4.52
CA ARG A 303 -7.95 14.11 4.62
C ARG A 303 -9.45 14.36 4.70
N ARG A 304 -9.86 15.49 5.31
CA ARG A 304 -11.28 15.82 5.42
C ARG A 304 -11.95 16.02 4.06
N ALA A 305 -11.19 16.25 3.00
CA ALA A 305 -11.81 16.43 1.68
C ALA A 305 -12.37 15.12 1.15
N PHE A 306 -12.02 13.99 1.73
CA PHE A 306 -12.48 12.69 1.29
C PHE A 306 -13.77 12.38 2.03
N ILE A 307 -14.90 12.46 1.32
CA ILE A 307 -16.21 12.54 1.93
C ILE A 307 -17.12 11.47 1.36
N ALA A 308 -18.24 11.24 2.05
CA ALA A 308 -19.26 10.30 1.60
C ALA A 308 -20.26 10.96 0.66
N GLU A 309 -20.79 10.17 -0.27
CA GLU A 309 -21.92 10.63 -1.06
C GLU A 309 -23.06 11.05 -0.13
N GLU A 310 -23.80 12.06 -0.56
N GLU A 310 -23.81 12.06 -0.56
CA GLU A 310 -24.95 12.52 0.23
CA GLU A 310 -24.98 12.51 0.18
C GLU A 310 -25.92 11.38 0.44
C GLU A 310 -25.91 11.34 0.44
N GLY A 311 -26.43 11.27 1.67
CA GLY A 311 -27.26 10.16 2.08
C GLY A 311 -26.47 8.94 2.50
N TRP A 312 -25.14 8.99 2.44
CA TRP A 312 -24.25 7.90 2.79
C TRP A 312 -23.28 8.35 3.89
N LEU A 313 -22.59 7.37 4.48
CA LEU A 313 -21.52 7.63 5.43
C LEU A 313 -20.31 6.76 5.13
N LEU A 314 -19.12 7.26 5.45
CA LEU A 314 -17.92 6.44 5.39
C LEU A 314 -17.80 5.61 6.66
N VAL A 315 -17.31 4.39 6.50
CA VAL A 315 -16.98 3.52 7.63
C VAL A 315 -15.52 3.10 7.46
N ALA A 316 -14.70 3.46 8.44
CA ALA A 316 -13.28 3.14 8.43
C ALA A 316 -12.98 2.11 9.51
N LEU A 317 -12.33 1.01 9.12
CA LEU A 317 -11.98 -0.06 10.02
C LEU A 317 -10.48 -0.30 9.93
N ASP A 318 -9.82 -0.48 11.07
CA ASP A 318 -8.36 -0.54 11.14
C ASP A 318 -7.96 -1.61 12.14
N TYR A 319 -7.25 -2.65 11.69
CA TYR A 319 -6.76 -3.68 12.60
C TYR A 319 -5.85 -3.05 13.66
N SER A 320 -6.03 -3.49 14.91
CA SER A 320 -5.22 -3.00 16.02
C SER A 320 -3.90 -3.74 16.12
N GLN A 321 -2.78 -2.99 16.16
CA GLN A 321 -1.45 -3.54 16.40
C GLN A 321 -1.20 -4.79 15.55
N ILE A 322 -1.53 -4.71 14.27
CA ILE A 322 -1.76 -5.95 13.53
C ILE A 322 -0.47 -6.76 13.42
N GLU A 323 0.63 -6.13 13.00
CA GLU A 323 1.83 -6.93 12.80
C GLU A 323 2.44 -7.43 14.10
N LEU A 324 2.13 -6.78 15.24
CA LEU A 324 2.53 -7.35 16.53
C LEU A 324 1.74 -8.61 16.86
N ARG A 325 0.43 -8.62 16.57
CA ARG A 325 -0.38 -9.81 16.80
C ARG A 325 0.07 -10.95 15.90
N VAL A 326 0.33 -10.65 14.62
CA VAL A 326 0.87 -11.65 13.70
C VAL A 326 2.19 -12.20 14.24
N LEU A 327 3.07 -11.33 14.71
CA LEU A 327 4.34 -11.81 15.25
C LEU A 327 4.13 -12.77 16.42
N ALA A 328 3.16 -12.48 17.28
CA ALA A 328 2.86 -13.40 18.38
C ALA A 328 2.49 -14.78 17.86
N HIS A 329 1.73 -14.84 16.76
CA HIS A 329 1.34 -16.12 16.18
C HIS A 329 2.52 -16.83 15.53
N LEU A 330 3.25 -16.13 14.66
CA LEU A 330 4.35 -16.76 13.95
C LEU A 330 5.43 -17.23 14.90
N SER A 331 5.75 -16.42 15.92
CA SER A 331 6.85 -16.73 16.82
C SER A 331 6.42 -17.64 17.97
N GLY A 332 5.17 -17.53 18.41
CA GLY A 332 4.71 -18.31 19.54
C GLY A 332 5.21 -17.84 20.88
N ASP A 333 5.66 -16.60 20.99
CA ASP A 333 6.15 -16.11 22.27
C ASP A 333 5.01 -16.04 23.28
N GLU A 334 5.14 -16.77 24.38
CA GLU A 334 4.09 -16.84 25.37
C GLU A 334 3.77 -15.47 25.95
N ASN A 335 4.80 -14.65 26.20
CA ASN A 335 4.60 -13.36 26.85
C ASN A 335 3.88 -12.38 25.94
N LEU A 336 4.13 -12.45 24.64
CA LEU A 336 3.46 -11.54 23.73
C LEU A 336 2.01 -11.94 23.50
N ILE A 337 1.74 -13.24 23.49
CA ILE A 337 0.36 -13.72 23.41
C ILE A 337 -0.45 -13.16 24.58
N ARG A 338 0.10 -13.23 25.79
CA ARG A 338 -0.63 -12.77 26.97
C ARG A 338 -0.94 -11.28 26.87
N VAL A 339 -0.03 -10.50 26.28
CA VAL A 339 -0.29 -9.08 26.08
C VAL A 339 -1.65 -8.88 25.42
N PHE A 340 -1.90 -9.60 24.34
CA PHE A 340 -3.14 -9.40 23.59
C PHE A 340 -4.31 -10.16 24.20
N GLN A 341 -4.07 -11.31 24.84
CA GLN A 341 -5.14 -11.96 25.59
C GLN A 341 -5.54 -11.16 26.82
N GLU A 342 -4.64 -10.33 27.34
CA GLU A 342 -4.97 -9.40 28.43
C GLU A 342 -5.49 -8.06 27.92
N GLY A 343 -5.46 -7.82 26.61
CA GLY A 343 -5.99 -6.58 26.07
C GLY A 343 -5.07 -5.38 26.18
N ARG A 344 -3.78 -5.59 26.43
CA ARG A 344 -2.86 -4.49 26.57
C ARG A 344 -2.52 -3.89 25.20
N ASP A 345 -2.01 -2.67 25.22
CA ASP A 345 -1.67 -1.93 24.01
C ASP A 345 -0.20 -1.51 24.10
N ILE A 346 0.62 -2.08 23.22
CA ILE A 346 2.06 -1.82 23.24
C ILE A 346 2.37 -0.42 22.75
N HIS A 347 1.66 0.04 21.72
CA HIS A 347 1.88 1.40 21.23
C HIS A 347 1.62 2.42 22.32
N THR A 348 0.56 2.22 23.12
CA THR A 348 0.28 3.15 24.21
C THR A 348 1.31 3.03 25.33
N GLU A 349 1.72 1.80 25.66
CA GLU A 349 2.70 1.61 26.72
C GLU A 349 4.05 2.21 26.33
N THR A 350 4.49 1.99 25.09
CA THR A 350 5.72 2.65 24.65
C THR A 350 5.54 4.17 24.68
N ALA A 351 4.40 4.67 24.19
CA ALA A 351 4.16 6.10 24.23
C ALA A 351 4.22 6.62 25.66
N SER A 352 3.70 5.85 26.61
CA SER A 352 3.78 6.26 28.01
C SER A 352 5.23 6.46 28.45
N TRP A 353 6.10 5.49 28.13
CA TRP A 353 7.50 5.60 28.51
C TRP A 353 8.18 6.73 27.75
N MET A 354 7.93 6.82 26.44
CA MET A 354 8.60 7.82 25.60
C MET A 354 8.45 9.22 26.16
N PHE A 355 7.23 9.60 26.53
CA PHE A 355 6.91 10.96 26.94
C PHE A 355 6.82 11.11 28.46
N GLY A 356 7.08 10.05 29.22
CA GLY A 356 6.98 10.14 30.66
C GLY A 356 5.60 10.59 31.09
N VAL A 357 4.58 9.84 30.67
CA VAL A 357 3.18 10.20 30.91
C VAL A 357 2.40 8.93 31.18
N PRO A 358 1.43 8.94 32.08
CA PRO A 358 0.58 7.75 32.26
C PRO A 358 -0.18 7.41 30.97
N ARG A 359 -0.56 6.14 30.87
CA ARG A 359 -1.27 5.67 29.67
C ARG A 359 -2.46 6.57 29.36
N GLU A 360 -3.15 7.05 30.40
CA GLU A 360 -4.42 7.73 30.20
C GLU A 360 -4.25 9.05 29.45
N ALA A 361 -3.11 9.71 29.60
CA ALA A 361 -2.88 10.99 28.96
C ALA A 361 -2.06 10.88 27.67
N VAL A 362 -1.91 9.67 27.14
CA VAL A 362 -1.27 9.48 25.84
C VAL A 362 -2.25 9.90 24.76
N ASP A 363 -1.94 10.96 24.02
CA ASP A 363 -2.81 11.43 22.97
C ASP A 363 -2.57 10.64 21.68
N PRO A 364 -3.42 10.82 20.67
CA PRO A 364 -3.22 10.07 19.42
C PRO A 364 -1.88 10.34 18.75
N LEU A 365 -1.44 11.61 18.71
CA LEU A 365 -0.16 11.92 18.07
C LEU A 365 1.00 11.27 18.82
N MET A 366 0.86 11.11 20.14
CA MET A 366 1.89 10.39 20.89
C MET A 366 1.94 8.92 20.51
N ARG A 367 0.77 8.31 20.29
CA ARG A 367 0.74 6.90 19.93
C ARG A 367 1.33 6.66 18.55
N ARG A 368 1.13 7.60 17.62
CA ARG A 368 1.76 7.48 16.31
C ARG A 368 3.28 7.48 16.44
N ALA A 369 3.81 8.34 17.29
CA ALA A 369 5.25 8.34 17.55
C ALA A 369 5.70 6.98 18.05
N ALA A 370 4.96 6.39 18.99
CA ALA A 370 5.36 5.12 19.55
C ALA A 370 5.31 4.00 18.51
N LYS A 371 4.46 4.13 17.49
CA LYS A 371 4.39 3.08 16.48
C LYS A 371 5.64 3.06 15.63
N THR A 372 6.15 4.23 15.22
CA THR A 372 7.41 4.28 14.50
C THR A 372 8.50 3.63 15.33
N ILE A 373 8.52 3.92 16.62
CA ILE A 373 9.54 3.35 17.50
C ILE A 373 9.37 1.84 17.60
N ASN A 374 8.17 1.38 17.97
CA ASN A 374 7.97 -0.04 18.18
C ASN A 374 8.28 -0.86 16.93
N PHE A 375 7.88 -0.38 15.76
CA PHE A 375 8.18 -1.12 14.54
C PHE A 375 9.58 -0.84 14.02
N GLY A 376 10.11 0.36 14.26
CA GLY A 376 11.53 0.58 14.02
C GLY A 376 12.38 -0.41 14.78
N VAL A 377 12.17 -0.51 16.09
CA VAL A 377 12.97 -1.43 16.90
C VAL A 377 12.77 -2.86 16.45
N LEU A 378 11.51 -3.26 16.24
CA LEU A 378 11.22 -4.66 15.94
C LEU A 378 11.96 -5.12 14.70
N TYR A 379 11.92 -4.32 13.64
CA TYR A 379 12.54 -4.68 12.37
C TYR A 379 14.01 -4.22 12.25
N GLY A 380 14.66 -3.87 13.37
CA GLY A 380 16.11 -3.77 13.38
C GLY A 380 16.76 -2.40 13.47
N MET A 381 16.04 -1.41 14.01
CA MET A 381 16.58 -0.07 14.17
C MET A 381 17.77 -0.08 15.12
N SER A 382 18.72 0.84 14.88
CA SER A 382 19.93 0.95 15.68
C SER A 382 19.73 1.88 16.87
N ALA A 383 20.49 1.63 17.94
CA ALA A 383 20.44 2.51 19.10
C ALA A 383 20.82 3.93 18.72
N HIS A 384 21.81 4.08 17.83
CA HIS A 384 22.21 5.40 17.37
C HIS A 384 21.01 6.16 16.81
N ARG A 385 20.30 5.55 15.85
CA ARG A 385 19.13 6.19 15.28
C ARG A 385 18.06 6.44 16.34
N LEU A 386 17.76 5.43 17.16
CA LEU A 386 16.70 5.58 18.15
C LEU A 386 17.04 6.68 19.15
N SER A 387 18.29 6.73 19.60
CA SER A 387 18.68 7.80 20.50
C SER A 387 18.48 9.16 19.83
N GLN A 388 18.73 9.22 18.52
CA GLN A 388 18.69 10.48 17.81
C GLN A 388 17.26 10.99 17.63
N GLU A 389 16.31 10.07 17.40
CA GLU A 389 14.93 10.49 17.22
C GLU A 389 14.27 10.84 18.56
N LEU A 390 14.52 10.04 19.59
CA LEU A 390 13.90 10.26 20.90
C LEU A 390 14.58 11.36 21.70
N ALA A 391 15.68 11.93 21.20
CA ALA A 391 16.38 13.01 21.89
C ALA A 391 16.86 12.56 23.27
N ILE A 392 17.41 11.36 23.34
CA ILE A 392 17.88 10.78 24.60
C ILE A 392 19.30 10.24 24.37
N PRO A 393 20.07 10.09 25.46
CA PRO A 393 21.43 9.55 25.31
C PRO A 393 21.42 8.19 24.62
N TYR A 394 22.54 7.90 23.94
CA TYR A 394 22.71 6.61 23.27
C TYR A 394 22.41 5.47 24.23
N GLU A 395 22.80 5.62 25.49
CA GLU A 395 22.65 4.56 26.48
C GLU A 395 21.18 4.27 26.79
N GLU A 396 20.32 5.28 26.71
CA GLU A 396 18.90 5.06 26.95
C GLU A 396 18.26 4.28 25.81
N ALA A 397 18.48 4.72 24.57
CA ALA A 397 18.01 3.96 23.42
C ALA A 397 18.57 2.54 23.43
N GLN A 398 19.85 2.41 23.77
CA GLN A 398 20.46 1.10 23.98
C GLN A 398 19.58 0.24 24.88
N ALA A 399 19.21 0.80 26.03
CA ALA A 399 18.47 0.03 27.03
C ALA A 399 17.06 -0.30 26.55
N PHE A 400 16.37 0.67 25.98
CA PHE A 400 15.01 0.42 25.51
C PHE A 400 14.98 -0.77 24.56
N ILE A 401 15.82 -0.74 23.53
CA ILE A 401 15.90 -1.88 22.61
C ILE A 401 16.21 -3.16 23.38
N GLU A 402 17.01 -3.05 24.43
CA GLU A 402 17.34 -4.20 25.25
C GLU A 402 16.10 -4.79 25.91
N ARG A 403 15.36 -3.95 26.65
CA ARG A 403 14.17 -4.43 27.35
C ARG A 403 13.16 -5.00 26.37
N TYR A 404 12.93 -4.29 25.26
CA TYR A 404 11.98 -4.67 24.23
C TYR A 404 12.01 -6.17 23.94
N PHE A 405 13.14 -6.66 23.43
CA PHE A 405 13.23 -8.05 23.01
C PHE A 405 13.32 -9.02 24.18
N GLN A 406 13.88 -8.59 25.31
CA GLN A 406 13.92 -9.44 26.49
C GLN A 406 12.51 -9.77 26.97
N SER A 407 11.59 -8.82 26.85
CA SER A 407 10.21 -9.07 27.25
C SER A 407 9.59 -10.23 26.46
N PHE A 408 10.08 -10.48 25.25
CA PHE A 408 9.45 -11.42 24.32
C PHE A 408 10.50 -12.36 23.72
N PRO A 409 10.96 -13.36 24.49
CA PRO A 409 12.15 -14.13 24.09
C PRO A 409 12.07 -14.78 22.72
N LYS A 410 10.98 -15.49 22.41
CA LYS A 410 10.94 -16.33 21.22
C LYS A 410 10.94 -15.54 19.92
N VAL A 411 10.97 -14.20 19.96
CA VAL A 411 10.98 -13.41 18.74
C VAL A 411 12.33 -13.54 18.02
N ARG A 412 13.41 -13.19 18.71
CA ARG A 412 14.73 -13.35 18.12
C ARG A 412 14.96 -14.81 17.71
N ALA A 413 14.42 -15.75 18.48
CA ALA A 413 14.49 -17.15 18.10
C ALA A 413 13.75 -17.39 16.78
N TRP A 414 12.61 -16.74 16.58
CA TRP A 414 11.91 -16.87 15.32
C TRP A 414 12.67 -16.17 14.19
N ILE A 415 13.20 -14.98 14.48
CA ILE A 415 14.01 -14.27 13.49
C ILE A 415 15.14 -15.15 12.99
N GLU A 416 15.94 -15.68 13.91
CA GLU A 416 17.07 -16.52 13.52
C GLU A 416 16.62 -17.77 12.79
N LYS A 417 15.48 -18.34 13.19
CA LYS A 417 14.93 -19.49 12.48
C LYS A 417 14.57 -19.09 11.05
N THR A 418 13.83 -18.01 10.91
CA THR A 418 13.42 -17.57 9.57
C THR A 418 14.64 -17.33 8.69
N LEU A 419 15.66 -16.67 9.22
CA LEU A 419 16.86 -16.36 8.44
C LEU A 419 17.59 -17.63 8.02
N GLU A 420 17.83 -18.54 8.96
CA GLU A 420 18.51 -19.78 8.58
C GLU A 420 17.71 -20.50 7.51
N GLU A 421 16.39 -20.58 7.69
CA GLU A 421 15.52 -21.21 6.69
C GLU A 421 15.63 -20.50 5.35
N GLY A 422 15.69 -19.16 5.37
CA GLY A 422 15.82 -18.42 4.12
C GLY A 422 17.19 -18.61 3.49
N ARG A 423 18.25 -18.72 4.30
CA ARG A 423 19.58 -18.94 3.74
C ARG A 423 19.62 -20.25 2.97
N ARG A 424 18.98 -21.28 3.50
CA ARG A 424 19.06 -22.61 2.92
C ARG A 424 18.12 -22.77 1.74
N ARG A 425 16.85 -22.43 1.91
CA ARG A 425 15.87 -22.59 0.84
C ARG A 425 15.93 -21.47 -0.19
N GLY A 426 16.46 -20.31 0.19
CA GLY A 426 16.53 -19.18 -0.70
C GLY A 426 15.31 -18.29 -0.68
N TYR A 427 14.30 -18.62 0.13
CA TYR A 427 13.11 -17.79 0.23
C TYR A 427 12.55 -17.91 1.65
N VAL A 428 11.74 -16.92 2.01
CA VAL A 428 11.00 -16.89 3.26
C VAL A 428 9.52 -16.89 2.89
N GLU A 429 8.66 -17.22 3.85
CA GLU A 429 7.26 -17.40 3.51
C GLU A 429 6.35 -16.92 4.62
N THR A 430 5.16 -16.46 4.23
CA THR A 430 4.14 -16.05 5.18
C THR A 430 3.44 -17.28 5.78
N LEU A 431 2.51 -17.01 6.68
CA LEU A 431 1.72 -18.07 7.32
C LEU A 431 1.04 -18.95 6.29
N PHE A 432 0.56 -18.36 5.21
CA PHE A 432 -0.18 -19.08 4.18
C PHE A 432 0.71 -19.68 3.10
N GLY A 433 2.01 -19.41 3.14
CA GLY A 433 2.92 -19.94 2.16
C GLY A 433 3.28 -19.00 1.03
N ARG A 434 2.87 -17.73 1.09
CA ARG A 434 3.36 -16.76 0.12
C ARG A 434 4.86 -16.62 0.29
N ARG A 435 5.59 -16.65 -0.82
CA ARG A 435 7.05 -16.70 -0.78
C ARG A 435 7.66 -15.37 -1.21
N ARG A 436 8.87 -15.11 -0.69
CA ARG A 436 9.74 -14.04 -1.17
C ARG A 436 11.16 -14.58 -1.24
N TYR A 437 11.77 -14.46 -2.41
CA TYR A 437 13.12 -14.95 -2.59
C TYR A 437 14.09 -13.85 -2.17
N VAL A 438 15.02 -14.19 -1.27
CA VAL A 438 16.00 -13.22 -0.76
C VAL A 438 17.39 -13.82 -0.88
N PRO A 439 17.96 -13.87 -2.08
CA PRO A 439 19.29 -14.48 -2.24
C PRO A 439 20.41 -13.70 -1.58
N ASP A 440 20.20 -12.42 -1.27
CA ASP A 440 21.31 -11.65 -0.71
C ASP A 440 21.57 -11.99 0.75
N LEU A 441 20.84 -12.95 1.33
CA LEU A 441 21.20 -13.46 2.65
C LEU A 441 22.61 -14.05 2.69
N GLU A 442 23.19 -14.36 1.53
CA GLU A 442 24.52 -14.93 1.48
C GLU A 442 25.53 -13.97 0.87
N ALA A 443 25.17 -12.69 0.76
CA ALA A 443 26.12 -11.69 0.29
C ALA A 443 27.31 -11.60 1.24
N ARG A 444 28.48 -11.28 0.68
CA ARG A 444 29.70 -11.18 1.47
C ARG A 444 30.01 -9.76 1.93
N VAL A 445 29.30 -8.76 1.40
CA VAL A 445 29.35 -7.40 1.93
C VAL A 445 28.34 -7.29 3.06
N LYS A 446 28.85 -6.93 4.25
CA LYS A 446 28.02 -6.99 5.45
C LYS A 446 26.77 -6.12 5.33
N SER A 447 26.93 -4.87 4.87
CA SER A 447 25.76 -3.98 4.80
C SER A 447 24.70 -4.56 3.89
N VAL A 448 25.10 -5.08 2.73
CA VAL A 448 24.15 -5.71 1.81
C VAL A 448 23.46 -6.90 2.47
N ARG A 449 24.25 -7.79 3.09
CA ARG A 449 23.70 -9.01 3.67
C ARG A 449 22.72 -8.70 4.79
N GLU A 450 23.07 -7.77 5.67
CA GLU A 450 22.21 -7.48 6.80
C GLU A 450 20.95 -6.73 6.39
N ALA A 451 21.03 -5.91 5.35
CA ALA A 451 19.80 -5.34 4.80
C ALA A 451 18.91 -6.44 4.26
N ALA A 452 19.50 -7.41 3.56
CA ALA A 452 18.72 -8.56 3.10
C ALA A 452 18.04 -9.26 4.26
N GLU A 453 18.75 -9.42 5.38
CA GLU A 453 18.17 -10.11 6.54
C GLU A 453 16.98 -9.33 7.08
N ARG A 454 17.08 -8.00 7.15
CA ARG A 454 15.94 -7.23 7.64
C ARG A 454 14.77 -7.33 6.66
N MET A 455 15.04 -7.32 5.36
CA MET A 455 13.99 -7.61 4.39
C MET A 455 13.41 -8.99 4.65
N ALA A 456 14.29 -9.98 4.86
CA ALA A 456 13.87 -11.37 4.90
C ALA A 456 12.90 -11.62 6.04
N PHE A 457 13.25 -11.23 7.27
CA PHE A 457 12.38 -11.59 8.38
C PHE A 457 11.24 -10.61 8.57
N ASN A 458 11.26 -9.45 7.93
CA ASN A 458 10.07 -8.61 7.90
C ASN A 458 8.96 -9.24 7.07
N MET A 459 9.31 -9.91 5.99
CA MET A 459 8.30 -10.29 5.00
C MET A 459 7.28 -11.29 5.54
N PRO A 460 7.65 -12.29 6.34
CA PRO A 460 6.60 -13.17 6.90
C PRO A 460 5.60 -12.44 7.75
N VAL A 461 6.00 -11.33 8.38
CA VAL A 461 5.09 -10.59 9.26
C VAL A 461 4.22 -9.65 8.45
N GLN A 462 4.85 -8.70 7.74
CA GLN A 462 4.10 -7.82 6.87
C GLN A 462 3.24 -8.62 5.91
N GLY A 463 3.78 -9.73 5.41
CA GLY A 463 3.08 -10.53 4.42
C GLY A 463 1.87 -11.26 4.97
N THR A 464 2.01 -11.89 6.15
CA THR A 464 0.86 -12.54 6.79
C THR A 464 -0.25 -11.53 7.03
N ALA A 465 0.08 -10.35 7.55
CA ALA A 465 -0.92 -9.31 7.73
C ALA A 465 -1.59 -8.95 6.41
N ALA A 466 -0.82 -8.91 5.32
CA ALA A 466 -1.41 -8.67 4.00
C ALA A 466 -2.36 -9.80 3.59
N ASP A 467 -1.95 -11.07 3.80
CA ASP A 467 -2.82 -12.20 3.47
C ASP A 467 -4.13 -12.12 4.23
N LEU A 468 -4.07 -11.77 5.52
CA LEU A 468 -5.29 -11.67 6.31
C LEU A 468 -6.23 -10.63 5.74
N MET A 469 -5.69 -9.45 5.45
CA MET A 469 -6.53 -8.36 4.96
C MET A 469 -7.14 -8.71 3.61
N LYS A 470 -6.35 -9.33 2.73
CA LYS A 470 -6.90 -9.75 1.43
C LYS A 470 -8.05 -10.71 1.62
N LEU A 471 -7.85 -11.72 2.47
CA LEU A 471 -8.88 -12.70 2.75
C LEU A 471 -10.13 -12.06 3.32
N ALA A 472 -9.95 -11.08 4.23
CA ALA A 472 -11.09 -10.40 4.81
C ALA A 472 -11.88 -9.65 3.75
N MET A 473 -11.17 -9.02 2.81
CA MET A 473 -11.83 -8.32 1.72
C MET A 473 -12.66 -9.26 0.87
N VAL A 474 -12.13 -10.45 0.57
CA VAL A 474 -12.86 -11.41 -0.26
C VAL A 474 -14.10 -11.90 0.47
N LYS A 475 -14.00 -12.06 1.79
CA LYS A 475 -15.15 -12.53 2.56
C LYS A 475 -16.20 -11.42 2.72
N LEU A 476 -15.73 -10.18 2.89
CA LEU A 476 -16.64 -9.07 3.19
C LEU A 476 -17.39 -8.56 1.96
N PHE A 477 -16.73 -8.49 0.81
CA PHE A 477 -17.33 -7.86 -0.36
C PHE A 477 -18.73 -8.36 -0.68
N PRO A 478 -19.02 -9.66 -0.81
CA PRO A 478 -20.40 -10.08 -1.06
C PRO A 478 -21.37 -9.66 0.02
N ARG A 479 -20.94 -9.63 1.28
CA ARG A 479 -21.83 -9.20 2.35
C ARG A 479 -22.24 -7.74 2.18
N LEU A 480 -21.33 -6.89 1.70
CA LEU A 480 -21.64 -5.47 1.50
C LEU A 480 -22.61 -5.29 0.34
N GLU A 481 -22.33 -5.97 -0.78
CA GLU A 481 -23.27 -5.94 -1.90
C GLU A 481 -24.68 -6.22 -1.44
N GLU A 482 -24.84 -7.18 -0.52
CA GLU A 482 -26.17 -7.56 -0.03
C GLU A 482 -26.87 -6.39 0.65
N MET A 483 -26.12 -5.56 1.37
CA MET A 483 -26.69 -4.45 2.14
C MET A 483 -26.64 -3.13 1.39
N GLY A 484 -26.30 -3.15 0.10
CA GLY A 484 -26.23 -1.91 -0.65
C GLY A 484 -25.08 -1.00 -0.29
N ALA A 485 -24.03 -1.51 0.34
CA ALA A 485 -22.85 -0.74 0.67
C ALA A 485 -21.74 -1.01 -0.33
N ARG A 486 -20.65 -0.25 -0.20
CA ARG A 486 -19.54 -0.28 -1.14
C ARG A 486 -18.22 -0.38 -0.40
N MET A 487 -17.27 -1.07 -1.01
CA MET A 487 -15.89 -1.05 -0.56
C MET A 487 -15.16 -0.03 -1.42
N LEU A 488 -14.50 0.94 -0.78
CA LEU A 488 -13.87 2.04 -1.48
C LEU A 488 -12.36 1.97 -1.49
N LEU A 489 -11.72 1.84 -0.32
CA LEU A 489 -10.27 1.90 -0.22
C LEU A 489 -9.77 0.79 0.71
N GLN A 490 -8.54 0.34 0.42
CA GLN A 490 -7.74 -0.50 1.31
C GLN A 490 -6.43 0.25 1.57
N VAL A 491 -6.01 0.30 2.83
CA VAL A 491 -4.76 0.96 3.22
C VAL A 491 -4.03 -0.01 4.13
N HIS A 492 -3.65 -1.17 3.57
CA HIS A 492 -2.75 -2.17 4.15
C HIS A 492 -3.39 -2.93 5.31
N ASP A 493 -3.82 -2.24 6.35
CA ASP A 493 -4.56 -2.92 7.41
C ASP A 493 -5.86 -2.18 7.73
N GLU A 494 -6.36 -1.38 6.79
CA GLU A 494 -7.52 -0.54 6.99
C GLU A 494 -8.44 -0.66 5.77
N LEU A 495 -9.75 -0.67 6.01
CA LEU A 495 -10.72 -0.59 4.93
C LEU A 495 -11.60 0.63 5.10
N VAL A 496 -11.92 1.30 4.00
CA VAL A 496 -12.86 2.41 4.00
C VAL A 496 -14.05 1.99 3.14
N LEU A 497 -15.20 1.91 3.78
CA LEU A 497 -16.44 1.54 3.12
C LEU A 497 -17.36 2.75 3.05
N GLU A 498 -18.34 2.66 2.17
CA GLU A 498 -19.38 3.67 2.00
C GLU A 498 -20.72 2.96 2.15
N ALA A 499 -21.55 3.44 3.05
CA ALA A 499 -22.82 2.78 3.32
C ALA A 499 -23.96 3.79 3.40
N PRO A 500 -25.16 3.42 2.97
CA PRO A 500 -26.31 4.29 3.21
C PRO A 500 -26.44 4.58 4.70
N LYS A 501 -26.82 5.82 5.02
CA LYS A 501 -26.91 6.25 6.41
C LYS A 501 -27.75 5.28 7.23
N GLU A 502 -28.89 4.84 6.69
CA GLU A 502 -29.79 3.97 7.43
C GLU A 502 -29.13 2.65 7.82
N ARG A 503 -28.13 2.20 7.05
CA ARG A 503 -27.51 0.89 7.30
C ARG A 503 -26.05 1.00 7.70
N ALA A 504 -25.53 2.20 7.89
CA ALA A 504 -24.12 2.36 8.18
C ALA A 504 -23.73 1.60 9.44
N GLU A 505 -24.55 1.69 10.50
CA GLU A 505 -24.21 1.04 11.75
C GLU A 505 -24.17 -0.47 11.60
N ALA A 506 -25.17 -1.04 10.92
CA ALA A 506 -25.16 -2.48 10.69
C ALA A 506 -23.99 -2.89 9.82
N VAL A 507 -23.62 -2.05 8.86
CA VAL A 507 -22.45 -2.34 8.05
C VAL A 507 -21.19 -2.32 8.90
N ALA A 508 -21.06 -1.33 9.80
CA ALA A 508 -19.87 -1.26 10.64
C ALA A 508 -19.73 -2.54 11.46
N ARG A 509 -20.80 -2.93 12.17
CA ARG A 509 -20.71 -4.11 13.02
C ARG A 509 -20.35 -5.35 12.23
N LEU A 510 -20.96 -5.53 11.06
CA LEU A 510 -20.68 -6.72 10.28
C LEU A 510 -19.23 -6.74 9.82
N ALA A 511 -18.76 -5.63 9.25
CA ALA A 511 -17.39 -5.58 8.75
C ALA A 511 -16.39 -5.77 9.89
N LYS A 512 -16.67 -5.20 11.05
CA LYS A 512 -15.83 -5.44 12.21
C LYS A 512 -15.70 -6.94 12.47
N GLU A 513 -16.84 -7.63 12.56
CA GLU A 513 -16.83 -9.06 12.88
C GLU A 513 -16.17 -9.90 11.79
N VAL A 514 -16.38 -9.54 10.52
CA VAL A 514 -15.73 -10.28 9.44
C VAL A 514 -14.21 -10.10 9.51
N MET A 515 -13.76 -8.89 9.80
CA MET A 515 -12.31 -8.67 9.84
C MET A 515 -11.68 -9.37 11.04
N GLU A 516 -12.35 -9.35 12.20
CA GLU A 516 -11.78 -9.95 13.41
C GLU A 516 -11.73 -11.48 13.33
N GLY A 517 -12.66 -12.09 12.60
CA GLY A 517 -12.74 -13.54 12.55
C GLY A 517 -12.34 -14.13 11.21
N VAL A 518 -11.59 -13.36 10.41
CA VAL A 518 -11.21 -13.82 9.08
C VAL A 518 -10.46 -15.15 9.15
N TYR A 519 -9.54 -15.28 10.10
CA TYR A 519 -8.66 -16.42 10.19
C TYR A 519 -8.05 -16.40 11.58
N PRO A 520 -8.68 -17.06 12.55
CA PRO A 520 -8.24 -16.90 13.93
C PRO A 520 -6.80 -17.34 14.13
N LEU A 521 -6.12 -16.63 15.02
CA LEU A 521 -4.73 -16.89 15.37
C LEU A 521 -4.65 -17.23 16.85
N ALA A 522 -3.43 -17.30 17.37
CA ALA A 522 -3.22 -17.58 18.77
C ALA A 522 -3.61 -16.41 19.66
N VAL A 523 -3.82 -15.23 19.07
CA VAL A 523 -4.25 -14.05 19.82
C VAL A 523 -5.51 -13.56 19.17
N PRO A 524 -6.32 -12.78 19.89
CA PRO A 524 -7.47 -12.14 19.25
C PRO A 524 -7.00 -11.10 18.26
N LEU A 525 -7.77 -10.96 17.18
CA LEU A 525 -7.65 -9.81 16.29
C LEU A 525 -8.75 -8.82 16.68
N GLU A 526 -8.34 -7.59 16.95
CA GLU A 526 -9.26 -6.51 17.27
C GLU A 526 -9.26 -5.49 16.14
N VAL A 527 -10.42 -4.90 15.90
CA VAL A 527 -10.59 -3.92 14.83
C VAL A 527 -11.22 -2.68 15.43
N GLU A 528 -10.60 -1.52 15.20
CA GLU A 528 -11.20 -0.24 15.54
C GLU A 528 -12.04 0.23 14.35
N VAL A 529 -13.26 0.64 14.63
CA VAL A 529 -14.19 1.03 13.59
C VAL A 529 -14.76 2.40 13.93
N GLY A 530 -14.82 3.27 12.92
CA GLY A 530 -15.48 4.56 13.08
C GLY A 530 -16.38 4.82 11.90
N ILE A 531 -17.31 5.76 12.09
CA ILE A 531 -18.25 6.18 11.07
C ILE A 531 -18.26 7.70 11.01
N GLY A 532 -18.26 8.26 9.79
CA GLY A 532 -18.43 9.70 9.67
C GLY A 532 -18.61 10.14 8.23
N GLU A 533 -18.87 11.43 8.08
CA GLU A 533 -19.07 12.05 6.77
C GLU A 533 -17.76 12.26 6.02
N ASP A 534 -16.61 12.28 6.70
CA ASP A 534 -15.34 12.36 6.01
C ASP A 534 -14.35 11.35 6.61
N TRP A 535 -13.32 11.05 5.82
CA TRP A 535 -12.35 10.04 6.20
C TRP A 535 -11.75 10.31 7.59
N LEU A 536 -11.43 11.57 7.88
CA LEU A 536 -10.86 11.90 9.17
C LEU A 536 -11.83 11.61 10.30
N SER A 537 -13.07 12.10 10.18
N SER A 537 -13.07 12.10 10.18
CA SER A 537 -14.06 11.90 11.23
CA SER A 537 -14.07 11.91 11.22
C SER A 537 -14.38 10.42 11.46
C SER A 537 -14.39 10.43 11.45
N ALA A 538 -14.18 9.58 10.44
CA ALA A 538 -14.52 8.17 10.54
C ALA A 538 -13.47 7.33 11.27
N LYS A 539 -12.43 7.93 11.84
CA LYS A 539 -11.46 7.20 12.64
C LYS A 539 -11.48 7.71 14.07
N GLU A 540 -11.37 6.79 15.03
CA GLU A 540 -11.47 7.14 16.45
C GLU A 540 -10.10 7.45 17.05
#